data_3WJN
#
_entry.id   3WJN
#
_cell.length_a   116.742
_cell.length_b   128.239
_cell.length_c   46.540
_cell.angle_alpha   90.00
_cell.angle_beta   90.00
_cell.angle_gamma   90.00
#
_symmetry.space_group_name_H-M   'P 21 21 2'
#
loop_
_entity.id
_entity.type
_entity.pdbx_description
1 polymer 'Octaprenyl diphosphate synthase'
2 non-polymer 'S-[(2E,6E)-3,7,11-TRIMETHYLDODECA-2,6,10-TRIENYL] TRIHYDROGEN THIODIPHOSPHATE'
3 water water
#
_entity_poly.entity_id   1
_entity_poly.type   'polypeptide(L)'
_entity_poly.pdbx_seq_one_letter_code
;MAHHHHHHVDDDDKMNLEKINELTAQDMAGVNAAILEQLNSDVQLINQLGYYIVSGGGKRIRPMIAVLAARAVGYEGNAH
VTIAALIEFIHTATLLHDDVVDESDMRRGKATANAAFGNAASVLVGDFIYTRAFQMMTSLGSLKVLEVMSEAVNVIAEGE
VLQLMNVNDPDITEENYMRVIYSKTARLFEAAAQCSGILAGCTPEEEKGLQDYGRYLGTAFQLIDDLLDYNADGEQLGKN
VGDDLNEGKPTLPLLHAMHHGTPEQAQMIRTAIEQGNGRHLLEPVLEAMNACGSLEWTRQRAEEEADKAIAALQVLPDTP
WREALIGLAHIAVQRDR
;
_entity_poly.pdbx_strand_id   A,B
#
# COMPACT_ATOMS: atom_id res chain seq x y z
N MET A 15 -10.39 26.03 25.09
CA MET A 15 -10.91 26.07 23.69
C MET A 15 -12.19 25.28 23.54
N ASN A 16 -13.09 25.81 22.73
CA ASN A 16 -14.38 25.18 22.47
C ASN A 16 -14.36 24.65 21.04
N LEU A 17 -15.13 23.61 20.75
CA LEU A 17 -15.17 23.03 19.42
C LEU A 17 -15.30 24.09 18.33
N GLU A 18 -16.41 24.82 18.34
CA GLU A 18 -16.63 25.86 17.35
C GLU A 18 -15.51 26.89 17.29
N LYS A 19 -14.90 27.19 18.44
CA LYS A 19 -13.79 28.15 18.49
C LYS A 19 -12.62 27.54 17.73
N ILE A 20 -12.61 26.21 17.66
CA ILE A 20 -11.55 25.50 16.98
C ILE A 20 -11.92 25.35 15.50
N ASN A 21 -13.15 24.97 15.24
CA ASN A 21 -13.60 24.80 13.87
C ASN A 21 -13.47 26.11 13.09
N GLU A 22 -13.32 27.21 13.81
CA GLU A 22 -13.20 28.51 13.18
C GLU A 22 -11.75 28.94 13.01
N LEU A 23 -10.98 28.75 14.08
CA LEU A 23 -9.56 29.09 14.09
C LEU A 23 -8.84 28.25 13.03
N THR A 24 -9.31 27.01 12.92
CA THR A 24 -8.75 26.02 12.03
C THR A 24 -9.46 25.95 10.66
N ALA A 25 -10.66 26.52 10.60
CA ALA A 25 -11.48 26.53 9.40
C ALA A 25 -10.78 26.71 8.06
N GLN A 26 -10.12 27.85 7.87
CA GLN A 26 -9.43 28.13 6.60
C GLN A 26 -8.46 27.04 6.12
N ASP A 27 -7.60 26.57 7.01
CA ASP A 27 -6.63 25.54 6.63
C ASP A 27 -7.33 24.24 6.25
N MET A 28 -8.23 23.77 7.11
CA MET A 28 -8.97 22.55 6.84
C MET A 28 -9.71 22.62 5.51
N ALA A 29 -10.00 23.85 5.07
CA ALA A 29 -10.66 24.06 3.79
C ALA A 29 -9.62 23.75 2.72
N GLY A 30 -8.38 24.14 3.01
CA GLY A 30 -7.29 23.89 2.08
C GLY A 30 -6.98 22.41 2.03
N VAL A 31 -6.89 21.80 3.21
CA VAL A 31 -6.62 20.38 3.34
C VAL A 31 -7.64 19.61 2.51
N ASN A 32 -8.89 20.02 2.62
CA ASN A 32 -9.96 19.35 1.90
C ASN A 32 -9.71 19.45 0.39
N ALA A 33 -9.23 20.60 -0.04
CA ALA A 33 -8.93 20.83 -1.45
C ALA A 33 -7.67 20.06 -1.82
N ALA A 34 -6.68 20.11 -0.94
CA ALA A 34 -5.41 19.42 -1.15
C ALA A 34 -5.62 17.92 -1.29
N ILE A 35 -6.71 17.43 -0.70
CA ILE A 35 -7.03 16.01 -0.79
C ILE A 35 -7.72 15.75 -2.12
N LEU A 36 -8.80 16.49 -2.37
CA LEU A 36 -9.58 16.33 -3.59
C LEU A 36 -8.90 16.65 -4.91
N GLU A 37 -7.77 17.33 -4.87
CA GLU A 37 -7.11 17.64 -6.13
C GLU A 37 -6.17 16.49 -6.50
N GLN A 38 -5.94 15.59 -5.54
CA GLN A 38 -5.08 14.43 -5.75
C GLN A 38 -5.80 13.28 -6.46
N LEU A 39 -7.12 13.31 -6.45
CA LEU A 39 -7.93 12.30 -7.13
C LEU A 39 -8.09 12.80 -8.56
N ASN A 40 -6.98 12.78 -9.29
CA ASN A 40 -6.92 13.28 -10.65
C ASN A 40 -6.46 12.24 -11.67
N SER A 41 -6.63 10.97 -11.33
CA SER A 41 -6.19 9.90 -12.23
C SER A 41 -7.02 9.79 -13.50
N ASP A 42 -6.39 9.32 -14.56
CA ASP A 42 -7.04 9.12 -15.85
C ASP A 42 -7.98 7.92 -15.75
N VAL A 43 -7.78 7.12 -14.70
CA VAL A 43 -8.59 5.94 -14.43
C VAL A 43 -9.77 6.36 -13.56
N GLN A 44 -10.91 6.63 -14.18
CA GLN A 44 -12.08 7.09 -13.43
C GLN A 44 -12.40 6.37 -12.12
N LEU A 45 -12.39 5.04 -12.12
CA LEU A 45 -12.72 4.26 -10.92
C LEU A 45 -12.00 4.71 -9.63
N ILE A 46 -10.77 5.18 -9.78
CA ILE A 46 -9.99 5.64 -8.64
C ILE A 46 -10.66 6.86 -8.04
N ASN A 47 -10.91 7.84 -8.89
CA ASN A 47 -11.54 9.07 -8.47
C ASN A 47 -12.93 8.83 -7.85
N GLN A 48 -13.75 8.02 -8.48
CA GLN A 48 -15.08 7.74 -7.96
C GLN A 48 -15.05 7.17 -6.56
N LEU A 49 -14.28 6.10 -6.41
CA LEU A 49 -14.17 5.43 -5.13
C LEU A 49 -13.55 6.38 -4.14
N GLY A 50 -12.58 7.17 -4.59
CA GLY A 50 -11.96 8.13 -3.69
C GLY A 50 -13.01 9.09 -3.18
N TYR A 51 -13.74 9.70 -4.11
CA TYR A 51 -14.81 10.65 -3.76
C TYR A 51 -15.79 9.99 -2.80
N TYR A 52 -16.16 8.76 -3.11
CA TYR A 52 -17.09 7.98 -2.31
C TYR A 52 -16.69 7.89 -0.83
N ILE A 53 -15.47 7.45 -0.57
CA ILE A 53 -15.02 7.29 0.81
C ILE A 53 -14.60 8.59 1.51
N VAL A 54 -14.02 9.54 0.80
CA VAL A 54 -13.57 10.79 1.43
C VAL A 54 -14.68 11.79 1.71
N SER A 55 -15.85 11.57 1.13
CA SER A 55 -16.97 12.50 1.35
C SER A 55 -17.98 12.01 2.39
N GLY A 56 -17.61 10.93 3.09
CA GLY A 56 -18.51 10.38 4.11
C GLY A 56 -18.46 11.12 5.43
N GLY A 57 -17.89 12.31 5.43
CA GLY A 57 -17.79 13.11 6.65
C GLY A 57 -16.47 12.87 7.37
N GLY A 58 -16.21 11.60 7.68
CA GLY A 58 -15.01 11.20 8.37
C GLY A 58 -14.92 11.73 9.80
N LYS A 59 -14.16 12.79 9.97
CA LYS A 59 -13.94 13.42 11.27
C LYS A 59 -12.84 14.45 11.02
N ARG A 60 -11.73 13.95 10.51
CA ARG A 60 -10.58 14.75 10.17
C ARG A 60 -9.80 15.22 11.38
N ILE A 61 -9.76 14.42 12.44
CA ILE A 61 -8.98 14.82 13.62
C ILE A 61 -7.49 14.65 13.33
N ARG A 62 -7.13 13.64 12.54
CA ARG A 62 -5.72 13.42 12.24
C ARG A 62 -5.13 14.61 11.51
N PRO A 63 -5.80 15.09 10.44
CA PRO A 63 -5.30 16.25 9.71
C PRO A 63 -5.41 17.57 10.47
N MET A 64 -6.40 17.69 11.35
CA MET A 64 -6.54 18.92 12.12
C MET A 64 -5.38 19.06 13.09
N ILE A 65 -5.00 17.95 13.72
CA ILE A 65 -3.89 17.97 14.64
C ILE A 65 -2.66 18.49 13.90
N ALA A 66 -2.38 17.88 12.75
CA ALA A 66 -1.24 18.26 11.92
C ALA A 66 -1.23 19.76 11.70
N VAL A 67 -2.32 20.29 11.17
CA VAL A 67 -2.42 21.72 10.91
C VAL A 67 -2.10 22.56 12.17
N LEU A 68 -2.81 22.31 13.26
CA LEU A 68 -2.61 23.06 14.50
C LEU A 68 -1.19 22.92 15.05
N ALA A 69 -0.62 21.73 14.92
CA ALA A 69 0.74 21.51 15.40
C ALA A 69 1.72 22.42 14.65
N ALA A 70 1.55 22.56 13.35
CA ALA A 70 2.44 23.43 12.58
C ALA A 70 2.29 24.87 13.04
N ARG A 71 1.03 25.28 13.26
CA ARG A 71 0.72 26.64 13.70
C ARG A 71 1.25 26.92 15.10
N ALA A 72 1.15 25.92 15.97
CA ALA A 72 1.60 26.07 17.34
C ALA A 72 3.12 26.11 17.44
N VAL A 73 3.80 26.41 16.35
CA VAL A 73 5.24 26.50 16.38
C VAL A 73 5.72 27.66 15.49
N GLY A 74 4.76 28.47 15.05
CA GLY A 74 5.08 29.62 14.22
C GLY A 74 5.05 29.45 12.73
N TYR A 75 4.83 28.22 12.26
CA TYR A 75 4.80 27.97 10.82
C TYR A 75 3.80 28.90 10.16
N GLU A 76 4.27 29.75 9.26
CA GLU A 76 3.40 30.68 8.56
C GLU A 76 3.17 30.26 7.13
N GLY A 77 3.66 29.07 6.79
CA GLY A 77 3.51 28.55 5.44
C GLY A 77 2.20 27.87 5.14
N ASN A 78 2.20 27.08 4.06
CA ASN A 78 1.02 26.36 3.64
C ASN A 78 1.35 24.91 3.31
N ALA A 79 2.50 24.44 3.76
CA ALA A 79 2.93 23.08 3.49
C ALA A 79 2.34 22.12 4.52
N HIS A 80 1.88 22.65 5.64
CA HIS A 80 1.29 21.83 6.69
C HIS A 80 -0.06 21.31 6.18
N VAL A 81 -0.66 22.04 5.24
CA VAL A 81 -1.91 21.60 4.65
C VAL A 81 -1.65 20.33 3.85
N THR A 82 -0.49 20.27 3.21
CA THR A 82 -0.12 19.10 2.42
C THR A 82 0.19 17.87 3.26
N ILE A 83 0.91 18.06 4.36
CA ILE A 83 1.22 16.92 5.21
C ILE A 83 -0.07 16.43 5.89
N ALA A 84 -0.98 17.35 6.17
CA ALA A 84 -2.24 16.98 6.80
C ALA A 84 -3.13 16.19 5.85
N ALA A 85 -3.00 16.46 4.56
CA ALA A 85 -3.81 15.77 3.57
C ALA A 85 -3.36 14.32 3.38
N LEU A 86 -2.06 14.12 3.14
CA LEU A 86 -1.52 12.79 2.90
C LEU A 86 -1.82 11.90 4.09
N ILE A 87 -1.75 12.47 5.29
CA ILE A 87 -2.05 11.70 6.49
C ILE A 87 -3.48 11.18 6.38
N GLU A 88 -4.41 12.04 5.99
CA GLU A 88 -5.78 11.59 5.85
C GLU A 88 -5.82 10.45 4.82
N PHE A 89 -5.03 10.57 3.75
CA PHE A 89 -4.99 9.53 2.73
C PHE A 89 -4.53 8.21 3.33
N ILE A 90 -3.42 8.26 4.08
CA ILE A 90 -2.89 7.06 4.70
C ILE A 90 -3.98 6.44 5.55
N HIS A 91 -4.61 7.25 6.38
CA HIS A 91 -5.69 6.79 7.23
C HIS A 91 -6.81 6.21 6.36
N THR A 92 -7.16 6.94 5.30
CA THR A 92 -8.19 6.49 4.37
C THR A 92 -7.87 5.10 3.85
N ALA A 93 -6.64 4.93 3.36
CA ALA A 93 -6.18 3.65 2.85
C ALA A 93 -6.35 2.52 3.87
N THR A 94 -5.89 2.74 5.10
CA THR A 94 -6.03 1.70 6.10
C THR A 94 -7.49 1.27 6.24
N LEU A 95 -8.42 2.22 6.14
CA LEU A 95 -9.85 1.89 6.27
C LEU A 95 -10.30 0.98 5.12
N LEU A 96 -9.95 1.37 3.90
CA LEU A 96 -10.33 0.59 2.74
C LEU A 96 -9.79 -0.83 2.93
N HIS A 97 -8.49 -0.93 3.15
CA HIS A 97 -7.92 -2.23 3.31
C HIS A 97 -8.57 -2.96 4.46
N ASP A 98 -8.82 -2.25 5.56
CA ASP A 98 -9.43 -2.88 6.71
C ASP A 98 -10.86 -3.40 6.44
N ASP A 99 -11.67 -2.63 5.73
CA ASP A 99 -13.02 -3.08 5.46
C ASP A 99 -13.01 -4.35 4.62
N VAL A 100 -12.00 -4.50 3.78
CA VAL A 100 -11.87 -5.69 2.96
C VAL A 100 -11.45 -6.85 3.83
N VAL A 101 -10.67 -6.58 4.88
CA VAL A 101 -10.24 -7.64 5.76
C VAL A 101 -11.31 -8.01 6.79
N ASP A 102 -11.95 -7.01 7.40
CA ASP A 102 -13.01 -7.23 8.39
C ASP A 102 -14.32 -7.61 7.70
N GLU A 103 -14.29 -7.68 6.37
CA GLU A 103 -15.47 -8.01 5.58
C GLU A 103 -16.67 -7.15 5.98
N SER A 104 -16.43 -5.86 6.19
CA SER A 104 -17.47 -4.92 6.57
C SER A 104 -18.25 -4.47 5.34
N ASP A 105 -19.57 -4.37 5.47
CA ASP A 105 -20.38 -3.89 4.36
C ASP A 105 -21.05 -2.58 4.76
N MET A 106 -20.67 -2.08 5.94
CA MET A 106 -21.22 -0.85 6.46
C MET A 106 -20.19 0.02 7.18
N ARG A 107 -20.13 1.28 6.77
CA ARG A 107 -19.24 2.24 7.41
C ARG A 107 -19.97 3.57 7.53
N ARG A 108 -20.76 3.67 8.59
CA ARG A 108 -21.54 4.85 8.94
C ARG A 108 -22.67 5.25 8.00
N GLY A 109 -23.80 4.56 8.16
CA GLY A 109 -24.98 4.82 7.37
C GLY A 109 -24.89 4.48 5.91
N LYS A 110 -23.72 4.02 5.47
CA LYS A 110 -23.54 3.69 4.06
C LYS A 110 -22.63 2.50 3.84
N ALA A 111 -22.81 1.86 2.70
CA ALA A 111 -21.99 0.71 2.36
C ALA A 111 -20.53 1.12 2.40
N THR A 112 -19.68 0.15 2.73
CA THR A 112 -18.26 0.36 2.77
C THR A 112 -17.88 0.46 1.31
N ALA A 113 -16.65 0.84 1.01
CA ALA A 113 -16.26 0.96 -0.40
C ALA A 113 -16.26 -0.41 -1.07
N ASN A 114 -15.91 -1.47 -0.35
CA ASN A 114 -15.89 -2.79 -0.98
C ASN A 114 -17.29 -3.32 -1.28
N ALA A 115 -18.24 -3.05 -0.40
CA ALA A 115 -19.61 -3.53 -0.65
C ALA A 115 -20.15 -2.88 -1.93
N ALA A 116 -19.76 -1.63 -2.18
CA ALA A 116 -20.22 -0.93 -3.38
C ALA A 116 -19.36 -1.15 -4.64
N PHE A 117 -18.04 -1.18 -4.48
CA PHE A 117 -17.13 -1.36 -5.61
C PHE A 117 -16.45 -2.71 -5.68
N GLY A 118 -16.47 -3.45 -4.58
CA GLY A 118 -15.84 -4.76 -4.56
C GLY A 118 -14.52 -4.71 -3.83
N ASN A 119 -14.06 -5.88 -3.35
CA ASN A 119 -12.82 -5.96 -2.62
C ASN A 119 -11.61 -5.51 -3.42
N ALA A 120 -11.43 -6.11 -4.59
CA ALA A 120 -10.32 -5.77 -5.45
C ALA A 120 -10.19 -4.25 -5.63
N ALA A 121 -11.28 -3.61 -6.03
CA ALA A 121 -11.26 -2.18 -6.24
C ALA A 121 -10.83 -1.43 -4.97
N SER A 122 -11.32 -1.86 -3.81
CA SER A 122 -10.95 -1.18 -2.58
C SER A 122 -9.47 -1.33 -2.31
N VAL A 123 -8.99 -2.57 -2.27
CA VAL A 123 -7.60 -2.85 -2.02
C VAL A 123 -6.68 -2.09 -2.97
N LEU A 124 -6.92 -2.21 -4.28
CA LEU A 124 -6.08 -1.51 -5.24
C LEU A 124 -6.14 0.01 -5.12
N VAL A 125 -7.34 0.58 -5.14
CA VAL A 125 -7.48 2.02 -5.01
C VAL A 125 -6.79 2.51 -3.73
N GLY A 126 -6.89 1.72 -2.65
CA GLY A 126 -6.23 2.05 -1.41
C GLY A 126 -4.73 2.12 -1.60
N ASP A 127 -4.22 1.24 -2.46
CA ASP A 127 -2.79 1.22 -2.76
C ASP A 127 -2.42 2.48 -3.55
N PHE A 128 -3.36 2.93 -4.37
CA PHE A 128 -3.12 4.11 -5.17
C PHE A 128 -2.96 5.28 -4.22
N ILE A 129 -3.91 5.39 -3.31
CA ILE A 129 -3.95 6.47 -2.33
C ILE A 129 -2.72 6.54 -1.44
N TYR A 130 -2.29 5.39 -0.93
CA TYR A 130 -1.14 5.37 -0.07
C TYR A 130 0.10 5.76 -0.84
N THR A 131 0.31 5.18 -2.02
CA THR A 131 1.49 5.57 -2.80
C THR A 131 1.43 7.07 -3.13
N ARG A 132 0.24 7.57 -3.40
CA ARG A 132 0.12 8.98 -3.72
C ARG A 132 0.55 9.80 -2.51
N ALA A 133 0.11 9.38 -1.32
CA ALA A 133 0.48 10.07 -0.08
C ALA A 133 1.98 10.08 0.05
N PHE A 134 2.59 8.97 -0.37
CA PHE A 134 4.03 8.81 -0.32
C PHE A 134 4.71 9.74 -1.33
N GLN A 135 4.08 9.92 -2.48
CA GLN A 135 4.64 10.81 -3.45
C GLN A 135 4.55 12.19 -2.83
N MET A 136 3.41 12.44 -2.20
CA MET A 136 3.19 13.73 -1.57
C MET A 136 4.21 14.05 -0.47
N MET A 137 4.75 13.02 0.17
CA MET A 137 5.76 13.27 1.21
C MET A 137 7.08 13.61 0.56
N THR A 138 7.45 12.88 -0.48
CA THR A 138 8.71 13.16 -1.13
C THR A 138 8.71 14.55 -1.73
N SER A 139 7.55 15.01 -2.20
CA SER A 139 7.48 16.36 -2.78
C SER A 139 7.94 17.38 -1.72
N LEU A 140 7.62 17.10 -0.46
CA LEU A 140 8.02 17.96 0.66
C LEU A 140 9.53 17.85 0.86
N GLY A 141 10.13 16.85 0.24
CA GLY A 141 11.56 16.65 0.34
C GLY A 141 12.20 16.54 1.71
N SER A 142 11.47 16.08 2.72
CA SER A 142 12.07 15.96 4.04
C SER A 142 12.41 14.52 4.45
N LEU A 143 13.66 14.15 4.27
CA LEU A 143 14.09 12.81 4.61
C LEU A 143 13.63 12.37 5.99
N LYS A 144 13.54 13.28 6.98
CA LYS A 144 13.10 12.83 8.29
C LYS A 144 11.63 12.47 8.32
N VAL A 145 10.78 13.33 7.75
CA VAL A 145 9.36 13.02 7.72
C VAL A 145 9.24 11.60 7.14
N LEU A 146 9.73 11.43 5.92
CA LEU A 146 9.70 10.14 5.24
C LEU A 146 10.16 9.01 6.15
N GLU A 147 11.18 9.27 6.97
CA GLU A 147 11.71 8.25 7.86
C GLU A 147 10.78 7.93 9.01
N VAL A 148 10.13 8.96 9.56
CA VAL A 148 9.22 8.76 10.67
C VAL A 148 7.90 8.23 10.22
N MET A 149 7.39 8.78 9.13
CA MET A 149 6.09 8.40 8.59
C MET A 149 6.09 6.97 8.04
N SER A 150 7.14 6.60 7.31
CA SER A 150 7.21 5.26 6.74
C SER A 150 7.25 4.24 7.85
N GLU A 151 8.07 4.51 8.87
CA GLU A 151 8.15 3.59 9.99
C GLU A 151 6.78 3.45 10.66
N ALA A 152 6.08 4.56 10.82
CA ALA A 152 4.76 4.57 11.45
C ALA A 152 3.81 3.65 10.73
N VAL A 153 3.78 3.77 9.40
CA VAL A 153 2.89 2.97 8.61
C VAL A 153 3.29 1.49 8.64
N ASN A 154 4.59 1.22 8.66
CA ASN A 154 5.01 -0.15 8.73
C ASN A 154 4.65 -0.72 10.11
N VAL A 155 4.72 0.12 11.15
CA VAL A 155 4.34 -0.33 12.48
C VAL A 155 2.84 -0.70 12.50
N ILE A 156 2.03 0.11 11.86
CA ILE A 156 0.61 -0.17 11.83
C ILE A 156 0.35 -1.50 11.13
N ALA A 157 1.01 -1.69 9.99
CA ALA A 157 0.87 -2.89 9.18
C ALA A 157 1.34 -4.17 9.88
N GLU A 158 2.53 -4.13 10.45
CA GLU A 158 3.02 -5.33 11.13
C GLU A 158 2.06 -5.66 12.25
N GLY A 159 1.40 -4.64 12.77
CA GLY A 159 0.45 -4.83 13.84
C GLY A 159 -0.79 -5.54 13.37
N GLU A 160 -1.25 -5.24 12.16
CA GLU A 160 -2.45 -5.87 11.64
C GLU A 160 -2.19 -7.32 11.24
N VAL A 161 -0.99 -7.60 10.73
CA VAL A 161 -0.66 -8.97 10.35
C VAL A 161 -0.60 -9.75 11.64
N LEU A 162 -0.17 -9.08 12.70
CA LEU A 162 -0.05 -9.70 14.01
C LEU A 162 -1.42 -10.18 14.51
N GLN A 163 -2.33 -9.24 14.75
CA GLN A 163 -3.65 -9.57 15.27
C GLN A 163 -4.50 -10.28 14.23
N LEU A 164 -3.84 -11.11 13.43
CA LEU A 164 -4.52 -11.86 12.40
C LEU A 164 -4.12 -13.32 12.56
N MET A 165 -3.40 -13.61 13.65
CA MET A 165 -2.95 -14.97 13.98
C MET A 165 -3.56 -15.55 15.26
N ILE A 172 -4.59 -11.51 25.80
CA ILE A 172 -5.87 -11.80 26.46
C ILE A 172 -5.95 -10.95 27.72
N THR A 173 -5.13 -9.89 27.75
CA THR A 173 -5.07 -8.99 28.89
C THR A 173 -5.03 -7.51 28.51
N GLU A 174 -4.92 -6.67 29.53
CA GLU A 174 -4.87 -5.22 29.35
C GLU A 174 -3.56 -4.76 28.69
N GLU A 175 -2.44 -5.31 29.15
CA GLU A 175 -1.15 -4.95 28.58
C GLU A 175 -1.15 -5.24 27.09
N ASN A 176 -1.71 -6.39 26.73
CA ASN A 176 -1.80 -6.80 25.34
C ASN A 176 -2.63 -5.79 24.56
N TYR A 177 -3.72 -5.34 25.16
CA TYR A 177 -4.59 -4.39 24.49
C TYR A 177 -3.95 -3.01 24.28
N MET A 178 -3.20 -2.55 25.28
CA MET A 178 -2.53 -1.27 25.19
C MET A 178 -1.46 -1.27 24.10
N ARG A 179 -1.06 -2.46 23.69
CA ARG A 179 -0.05 -2.62 22.65
C ARG A 179 -0.77 -2.63 21.31
N VAL A 180 -1.88 -3.36 21.26
CA VAL A 180 -2.70 -3.49 20.06
C VAL A 180 -3.26 -2.17 19.52
N ILE A 181 -3.53 -1.21 20.40
CA ILE A 181 -4.07 0.07 19.94
C ILE A 181 -2.98 1.11 19.65
N TYR A 182 -1.77 0.84 20.12
CA TYR A 182 -0.67 1.76 19.87
C TYR A 182 -0.35 1.67 18.39
N SER A 183 -0.22 0.45 17.89
CA SER A 183 0.09 0.21 16.50
C SER A 183 -1.05 0.70 15.62
N LYS A 184 -2.25 0.28 15.98
CA LYS A 184 -3.46 0.59 15.25
C LYS A 184 -3.91 2.05 15.14
N THR A 185 -3.93 2.76 16.27
CA THR A 185 -4.41 4.14 16.25
C THR A 185 -3.41 5.20 16.69
N ALA A 186 -2.92 5.07 17.92
CA ALA A 186 -2.01 6.02 18.50
C ALA A 186 -0.80 6.33 17.63
N ARG A 187 -0.20 5.31 17.05
CA ARG A 187 0.99 5.54 16.25
C ARG A 187 0.82 6.55 15.14
N LEU A 188 -0.29 6.50 14.40
CA LEU A 188 -0.47 7.46 13.30
C LEU A 188 -0.71 8.86 13.84
N PHE A 189 -1.27 8.93 15.04
CA PHE A 189 -1.51 10.23 15.67
C PHE A 189 -0.16 10.81 15.99
N GLU A 190 0.71 9.95 16.53
CA GLU A 190 2.07 10.31 16.89
C GLU A 190 2.77 10.92 15.67
N ALA A 191 2.76 10.18 14.57
CA ALA A 191 3.40 10.63 13.34
C ALA A 191 2.78 11.92 12.82
N ALA A 192 1.46 12.02 12.87
CA ALA A 192 0.77 13.19 12.38
C ALA A 192 1.32 14.49 12.98
N ALA A 193 1.34 14.57 14.30
CA ALA A 193 1.80 15.76 14.99
C ALA A 193 3.30 16.02 14.92
N GLN A 194 4.08 14.94 15.00
CA GLN A 194 5.54 15.04 14.97
C GLN A 194 6.09 15.46 13.61
N CYS A 195 5.66 14.78 12.57
CA CYS A 195 6.14 15.12 11.23
C CYS A 195 5.64 16.50 10.85
N SER A 196 4.57 16.95 11.50
CA SER A 196 4.03 18.27 11.19
C SER A 196 4.94 19.34 11.79
N GLY A 197 5.37 19.09 13.01
CA GLY A 197 6.25 20.02 13.67
C GLY A 197 7.64 20.00 13.05
N ILE A 198 8.10 18.83 12.63
CA ILE A 198 9.42 18.72 12.01
C ILE A 198 9.46 19.50 10.70
N LEU A 199 8.39 19.40 9.92
CA LEU A 199 8.32 20.10 8.64
C LEU A 199 8.37 21.61 8.85
N ALA A 200 8.00 22.05 10.04
CA ALA A 200 8.01 23.48 10.35
C ALA A 200 9.42 23.89 10.75
N GLY A 201 10.07 23.04 11.53
CA GLY A 201 11.42 23.34 11.97
C GLY A 201 11.44 23.50 13.47
N CYS A 202 10.47 22.90 14.15
CA CYS A 202 10.40 22.99 15.60
C CYS A 202 11.70 22.51 16.24
N THR A 203 11.86 22.85 17.51
CA THR A 203 13.03 22.48 18.31
C THR A 203 12.95 21.02 18.75
N PRO A 204 14.09 20.40 19.07
CA PRO A 204 14.05 19.00 19.49
C PRO A 204 13.06 18.75 20.63
N GLU A 205 12.79 19.79 21.42
CA GLU A 205 11.85 19.67 22.54
C GLU A 205 10.42 19.74 22.05
N GLU A 206 10.13 20.71 21.19
CA GLU A 206 8.79 20.86 20.64
C GLU A 206 8.41 19.57 19.92
N GLU A 207 9.31 19.08 19.07
CA GLU A 207 9.08 17.84 18.34
C GLU A 207 8.66 16.77 19.34
N LYS A 208 9.53 16.45 20.29
CA LYS A 208 9.21 15.44 21.31
C LYS A 208 7.90 15.77 22.01
N GLY A 209 7.59 17.06 22.12
CA GLY A 209 6.36 17.47 22.77
C GLY A 209 5.18 17.02 21.94
N LEU A 210 5.09 17.55 20.72
CA LEU A 210 4.03 17.20 19.79
C LEU A 210 3.87 15.68 19.62
N GLN A 211 4.99 14.97 19.65
CA GLN A 211 4.96 13.53 19.48
C GLN A 211 4.18 12.84 20.58
N ASP A 212 4.53 13.10 21.83
CA ASP A 212 3.82 12.48 22.94
C ASP A 212 2.35 12.85 22.91
N TYR A 213 2.07 14.13 22.72
CA TYR A 213 0.69 14.59 22.64
C TYR A 213 -0.09 13.72 21.65
N GLY A 214 0.44 13.57 20.44
CA GLY A 214 -0.25 12.77 19.44
C GLY A 214 -0.41 11.32 19.85
N ARG A 215 0.61 10.76 20.49
CA ARG A 215 0.60 9.37 20.93
C ARG A 215 -0.47 9.15 22.00
N TYR A 216 -0.53 10.05 22.97
CA TYR A 216 -1.50 9.94 24.06
C TYR A 216 -2.91 10.24 23.58
N LEU A 217 -3.04 11.29 22.78
CA LEU A 217 -4.34 11.67 22.24
C LEU A 217 -4.89 10.47 21.49
N GLY A 218 -4.03 9.89 20.66
CA GLY A 218 -4.43 8.74 19.87
C GLY A 218 -4.83 7.59 20.76
N THR A 219 -4.13 7.43 21.89
CA THR A 219 -4.45 6.35 22.82
C THR A 219 -5.80 6.62 23.47
N ALA A 220 -5.98 7.85 23.95
CA ALA A 220 -7.23 8.27 24.57
C ALA A 220 -8.35 8.12 23.55
N PHE A 221 -8.12 8.65 22.36
CA PHE A 221 -9.10 8.59 21.29
C PHE A 221 -9.65 7.18 21.08
N GLN A 222 -8.75 6.20 21.10
CA GLN A 222 -9.12 4.81 20.88
C GLN A 222 -9.91 4.26 22.06
N LEU A 223 -9.48 4.58 23.28
CA LEU A 223 -10.17 4.12 24.48
C LEU A 223 -11.63 4.58 24.42
N ILE A 224 -11.84 5.84 24.04
CA ILE A 224 -13.19 6.36 23.91
C ILE A 224 -13.92 5.63 22.78
N ASP A 225 -13.22 5.33 21.69
CA ASP A 225 -13.88 4.62 20.60
C ASP A 225 -14.35 3.23 21.03
N ASP A 226 -13.56 2.53 21.84
CA ASP A 226 -13.95 1.19 22.28
C ASP A 226 -15.14 1.18 23.23
N LEU A 227 -15.21 2.17 24.11
CA LEU A 227 -16.32 2.23 25.04
C LEU A 227 -17.55 2.71 24.29
N LEU A 228 -17.34 3.52 23.25
CA LEU A 228 -18.46 3.99 22.46
C LEU A 228 -18.96 2.85 21.59
N ASP A 229 -18.32 1.70 21.68
CA ASP A 229 -18.74 0.55 20.88
C ASP A 229 -19.82 -0.22 21.62
N TYR A 230 -19.92 0.01 22.92
CA TYR A 230 -20.96 -0.59 23.73
C TYR A 230 -21.98 0.54 23.84
N ASN A 231 -22.57 0.87 22.70
CA ASN A 231 -23.55 1.95 22.49
C ASN A 231 -22.79 3.27 22.64
N ALA A 232 -23.15 4.07 23.64
CA ALA A 232 -22.44 5.30 23.86
C ALA A 232 -21.65 5.24 25.15
N ASN A 240 -21.12 1.98 13.87
CA ASN A 240 -21.50 0.57 14.03
C ASN A 240 -21.39 0.15 15.50
N VAL A 241 -22.43 0.45 16.28
CA VAL A 241 -22.40 0.08 17.69
C VAL A 241 -22.48 -1.43 17.91
N GLY A 242 -21.80 -1.90 18.96
CA GLY A 242 -21.80 -3.31 19.30
C GLY A 242 -21.17 -4.31 18.37
N ASP A 243 -20.22 -3.89 17.54
CA ASP A 243 -19.57 -4.81 16.61
C ASP A 243 -18.32 -5.49 17.18
N ASP A 244 -17.69 -4.87 18.17
CA ASP A 244 -16.50 -5.45 18.79
C ASP A 244 -16.90 -6.70 19.57
N LEU A 245 -18.04 -6.63 20.24
CA LEU A 245 -18.51 -7.77 21.01
C LEU A 245 -18.88 -8.92 20.10
N ASN A 246 -19.49 -8.59 18.96
CA ASN A 246 -19.89 -9.61 18.00
C ASN A 246 -18.76 -10.53 17.59
N GLU A 247 -17.54 -9.99 17.52
CA GLU A 247 -16.39 -10.78 17.15
C GLU A 247 -15.53 -11.03 18.38
N GLY A 248 -16.15 -10.92 19.55
CA GLY A 248 -15.46 -11.13 20.81
C GLY A 248 -14.01 -10.66 20.90
N LYS A 249 -13.78 -9.36 20.68
CA LYS A 249 -12.44 -8.83 20.77
C LYS A 249 -12.22 -8.20 22.14
N PRO A 250 -11.03 -8.39 22.72
CA PRO A 250 -10.67 -7.85 24.03
C PRO A 250 -10.41 -6.36 24.17
N THR A 251 -11.44 -5.53 24.05
CA THR A 251 -11.22 -4.11 24.26
C THR A 251 -11.20 -3.94 25.78
N LEU A 252 -10.69 -2.80 26.25
CA LEU A 252 -10.59 -2.57 27.69
C LEU A 252 -11.87 -2.78 28.48
N PRO A 253 -13.01 -2.24 27.99
CA PRO A 253 -14.30 -2.37 28.66
C PRO A 253 -14.67 -3.82 28.93
N LEU A 254 -14.52 -4.64 27.91
CA LEU A 254 -14.85 -6.05 28.03
C LEU A 254 -13.96 -6.78 29.05
N LEU A 255 -12.66 -6.50 29.01
CA LEU A 255 -11.74 -7.15 29.95
C LEU A 255 -12.05 -6.81 31.40
N HIS A 256 -12.46 -5.58 31.64
CA HIS A 256 -12.77 -5.13 32.98
C HIS A 256 -14.00 -5.86 33.52
N ALA A 257 -15.04 -5.97 32.70
CA ALA A 257 -16.27 -6.63 33.11
C ALA A 257 -16.01 -8.08 33.43
N MET A 258 -15.03 -8.66 32.74
CA MET A 258 -14.67 -10.04 32.94
C MET A 258 -14.00 -10.25 34.29
N HIS A 259 -13.01 -9.42 34.57
CA HIS A 259 -12.26 -9.50 35.81
C HIS A 259 -13.01 -9.15 37.08
N HIS A 260 -13.99 -8.25 37.00
CA HIS A 260 -14.72 -7.85 38.19
C HIS A 260 -16.18 -8.30 38.25
N GLY A 261 -16.67 -8.90 37.17
CA GLY A 261 -18.04 -9.37 37.16
C GLY A 261 -18.20 -10.64 37.98
N THR A 262 -19.38 -11.25 37.90
CA THR A 262 -19.64 -12.49 38.63
C THR A 262 -18.94 -13.62 37.86
N PRO A 263 -18.71 -14.79 38.49
CA PRO A 263 -18.05 -15.89 37.79
C PRO A 263 -18.86 -16.38 36.58
N GLU A 264 -20.14 -15.98 36.55
CA GLU A 264 -20.99 -16.35 35.42
C GLU A 264 -20.70 -15.35 34.30
N GLN A 265 -20.77 -14.07 34.62
CA GLN A 265 -20.49 -13.04 33.64
C GLN A 265 -19.05 -13.13 33.17
N ALA A 266 -18.20 -13.67 34.03
CA ALA A 266 -16.78 -13.84 33.75
C ALA A 266 -16.58 -15.00 32.79
N GLN A 267 -17.33 -16.07 32.98
CA GLN A 267 -17.19 -17.21 32.11
C GLN A 267 -17.78 -16.88 30.75
N MET A 268 -18.90 -16.15 30.76
CA MET A 268 -19.53 -15.78 29.50
C MET A 268 -18.60 -14.96 28.62
N ILE A 269 -18.01 -13.92 29.20
CA ILE A 269 -17.13 -13.05 28.44
C ILE A 269 -15.90 -13.76 27.91
N ARG A 270 -15.22 -14.51 28.77
CA ARG A 270 -14.02 -15.21 28.34
C ARG A 270 -14.31 -16.17 27.19
N THR A 271 -15.32 -17.02 27.35
CA THR A 271 -15.61 -17.97 26.27
C THR A 271 -15.97 -17.23 25.00
N ALA A 272 -16.66 -16.09 25.14
CA ALA A 272 -17.05 -15.28 23.99
C ALA A 272 -15.82 -14.75 23.22
N ILE A 273 -14.77 -14.42 23.94
CA ILE A 273 -13.52 -13.94 23.35
C ILE A 273 -12.70 -15.09 22.73
N GLU A 274 -12.66 -16.22 23.42
CA GLU A 274 -11.93 -17.39 22.96
C GLU A 274 -12.61 -17.88 21.69
N GLN A 275 -13.92 -17.62 21.65
CA GLN A 275 -14.79 -18.01 20.55
C GLN A 275 -14.76 -16.96 19.44
N GLY A 276 -14.17 -15.81 19.74
CA GLY A 276 -14.10 -14.75 18.76
C GLY A 276 -15.51 -14.41 18.30
N ASN A 277 -16.49 -14.59 19.20
CA ASN A 277 -17.88 -14.34 18.87
C ASN A 277 -18.73 -14.16 20.14
N GLY A 278 -19.26 -12.95 20.33
CA GLY A 278 -20.10 -12.68 21.49
C GLY A 278 -21.46 -12.17 21.04
N ARG A 279 -21.81 -12.54 19.81
CA ARG A 279 -23.07 -12.14 19.20
C ARG A 279 -24.28 -12.61 20.02
N HIS A 280 -25.20 -11.67 20.25
CA HIS A 280 -26.44 -11.92 20.99
C HIS A 280 -26.26 -11.89 22.50
N LEU A 281 -25.10 -11.44 22.96
CA LEU A 281 -24.79 -11.37 24.39
C LEU A 281 -24.79 -9.94 24.95
N LEU A 282 -25.10 -8.97 24.11
CA LEU A 282 -25.07 -7.57 24.54
C LEU A 282 -25.77 -7.23 25.86
N GLU A 283 -26.96 -7.77 26.06
CA GLU A 283 -27.70 -7.48 27.27
C GLU A 283 -26.96 -7.92 28.53
N PRO A 284 -26.64 -9.22 28.66
CA PRO A 284 -25.92 -9.65 29.87
C PRO A 284 -24.54 -9.00 30.00
N VAL A 285 -23.93 -8.65 28.86
CA VAL A 285 -22.63 -8.01 28.89
C VAL A 285 -22.74 -6.59 29.47
N LEU A 286 -23.67 -5.80 28.96
CA LEU A 286 -23.85 -4.44 29.47
C LEU A 286 -24.19 -4.48 30.96
N GLU A 287 -24.99 -5.47 31.35
CA GLU A 287 -25.38 -5.63 32.75
C GLU A 287 -24.08 -5.75 33.55
N ALA A 288 -23.23 -6.67 33.13
CA ALA A 288 -21.95 -6.90 33.78
C ALA A 288 -21.10 -5.64 33.82
N MET A 289 -21.11 -4.88 32.73
CA MET A 289 -20.32 -3.67 32.68
C MET A 289 -20.85 -2.60 33.64
N ASN A 290 -22.14 -2.32 33.55
CA ASN A 290 -22.73 -1.30 34.41
C ASN A 290 -22.57 -1.65 35.89
N ALA A 291 -22.60 -2.94 36.22
CA ALA A 291 -22.43 -3.37 37.60
C ALA A 291 -21.00 -3.03 38.09
N CYS A 292 -19.99 -3.45 37.33
CA CYS A 292 -18.58 -3.19 37.68
C CYS A 292 -18.18 -1.77 37.35
N GLY A 293 -19.00 -1.09 36.56
CA GLY A 293 -18.66 0.26 36.14
C GLY A 293 -17.49 0.21 35.17
N SER A 294 -17.49 -0.82 34.33
CA SER A 294 -16.43 -1.02 33.36
C SER A 294 -16.26 0.10 32.35
N LEU A 295 -17.35 0.74 31.95
CA LEU A 295 -17.25 1.84 30.99
C LEU A 295 -16.66 3.12 31.60
N GLU A 296 -17.23 3.58 32.72
CA GLU A 296 -16.71 4.77 33.38
C GLU A 296 -15.21 4.57 33.66
N TRP A 297 -14.80 3.34 33.95
CA TRP A 297 -13.40 3.05 34.23
C TRP A 297 -12.55 3.22 32.97
N THR A 298 -13.13 2.89 31.83
CA THR A 298 -12.43 3.02 30.56
C THR A 298 -12.31 4.51 30.29
N ARG A 299 -13.38 5.23 30.59
CA ARG A 299 -13.44 6.68 30.38
C ARG A 299 -12.45 7.40 31.26
N GLN A 300 -12.25 6.87 32.46
CA GLN A 300 -11.30 7.44 33.42
C GLN A 300 -9.92 7.31 32.81
N ARG A 301 -9.62 6.09 32.35
CA ARG A 301 -8.36 5.76 31.71
C ARG A 301 -8.11 6.65 30.51
N ALA A 302 -9.17 6.96 29.79
CA ALA A 302 -9.05 7.81 28.62
C ALA A 302 -8.62 9.18 29.08
N GLU A 303 -9.23 9.65 30.14
CA GLU A 303 -8.91 10.96 30.70
C GLU A 303 -7.46 11.01 31.15
N GLU A 304 -6.93 9.86 31.57
CA GLU A 304 -5.54 9.78 32.01
C GLU A 304 -4.64 10.14 30.85
N GLU A 305 -4.90 9.50 29.71
CA GLU A 305 -4.10 9.72 28.50
C GLU A 305 -4.26 11.14 28.00
N ALA A 306 -5.48 11.67 28.07
CA ALA A 306 -5.75 13.03 27.64
C ALA A 306 -4.96 14.03 28.50
N ASP A 307 -4.78 13.74 29.79
CA ASP A 307 -4.02 14.63 30.65
C ASP A 307 -2.57 14.67 30.17
N LYS A 308 -2.00 13.49 29.94
CA LYS A 308 -0.62 13.38 29.48
C LYS A 308 -0.42 14.18 28.18
N ALA A 309 -1.37 14.04 27.26
CA ALA A 309 -1.31 14.75 25.99
C ALA A 309 -1.22 16.25 26.24
N ILE A 310 -2.08 16.75 27.12
CA ILE A 310 -2.13 18.16 27.46
C ILE A 310 -0.88 18.60 28.21
N ALA A 311 -0.47 17.78 29.17
CA ALA A 311 0.70 18.06 29.98
C ALA A 311 1.99 18.06 29.14
N ALA A 312 1.94 17.45 27.96
CA ALA A 312 3.11 17.38 27.09
C ALA A 312 3.24 18.59 26.18
N LEU A 313 2.12 19.27 25.91
CA LEU A 313 2.13 20.46 25.06
C LEU A 313 2.67 21.68 25.80
N GLN A 314 3.06 21.46 27.06
CA GLN A 314 3.60 22.53 27.92
C GLN A 314 4.77 23.24 27.27
N VAL A 315 5.68 22.44 26.71
CA VAL A 315 6.89 22.92 26.07
C VAL A 315 6.64 23.97 24.99
N LEU A 316 5.49 23.88 24.34
CA LEU A 316 5.16 24.83 23.30
C LEU A 316 4.73 26.17 23.88
N PRO A 317 4.84 27.23 23.07
CA PRO A 317 4.44 28.57 23.53
C PRO A 317 2.93 28.73 23.60
N ASP A 318 2.46 29.51 24.57
CA ASP A 318 1.03 29.74 24.75
C ASP A 318 0.47 30.51 23.55
N THR A 319 -0.30 29.80 22.72
CA THR A 319 -0.93 30.38 21.55
C THR A 319 -2.30 29.74 21.43
N PRO A 320 -3.24 30.40 20.72
CA PRO A 320 -4.58 29.84 20.56
C PRO A 320 -4.50 28.44 19.92
N TRP A 321 -3.48 28.24 19.10
CA TRP A 321 -3.32 26.95 18.45
C TRP A 321 -3.18 25.93 19.55
N ARG A 322 -2.22 26.15 20.46
CA ARG A 322 -2.01 25.22 21.54
C ARG A 322 -3.25 25.11 22.40
N GLU A 323 -4.00 26.20 22.50
CA GLU A 323 -5.22 26.19 23.29
C GLU A 323 -6.20 25.22 22.60
N ALA A 324 -6.17 25.20 21.28
CA ALA A 324 -7.03 24.31 20.49
C ALA A 324 -6.59 22.85 20.62
N LEU A 325 -5.30 22.59 20.49
CA LEU A 325 -4.77 21.23 20.60
C LEU A 325 -5.09 20.64 21.95
N ILE A 326 -5.31 21.52 22.93
CA ILE A 326 -5.65 21.08 24.27
C ILE A 326 -7.15 20.88 24.29
N GLY A 327 -7.85 21.79 23.62
CA GLY A 327 -9.30 21.69 23.54
C GLY A 327 -9.66 20.35 22.94
N LEU A 328 -9.03 20.00 21.82
CA LEU A 328 -9.31 18.73 21.15
C LEU A 328 -9.03 17.56 22.07
N ALA A 329 -8.08 17.74 22.99
CA ALA A 329 -7.75 16.67 23.93
C ALA A 329 -8.92 16.50 24.91
N HIS A 330 -9.49 17.62 25.36
CA HIS A 330 -10.62 17.56 26.28
C HIS A 330 -11.87 17.05 25.59
N ILE A 331 -12.11 17.50 24.36
CA ILE A 331 -13.28 17.04 23.63
C ILE A 331 -13.23 15.52 23.44
N ALA A 332 -12.04 15.01 23.17
CA ALA A 332 -11.87 13.58 22.96
C ALA A 332 -12.43 12.79 24.12
N VAL A 333 -12.24 13.28 25.34
CA VAL A 333 -12.72 12.58 26.53
C VAL A 333 -13.80 13.36 27.30
N MET B 15 25.79 -14.63 -23.99
CA MET B 15 25.90 -15.04 -22.57
C MET B 15 24.60 -15.64 -22.08
N ASN B 16 24.67 -16.91 -21.68
CA ASN B 16 23.50 -17.64 -21.18
C ASN B 16 23.22 -17.45 -19.69
N LEU B 17 22.01 -17.84 -19.29
CA LEU B 17 21.58 -17.70 -17.90
C LEU B 17 22.59 -18.19 -16.87
N GLU B 18 23.37 -19.22 -17.23
CA GLU B 18 24.35 -19.74 -16.28
C GLU B 18 25.51 -18.78 -16.09
N LYS B 19 25.99 -18.20 -17.19
CA LYS B 19 27.08 -17.24 -17.07
C LYS B 19 26.55 -16.04 -16.32
N ILE B 20 25.28 -15.68 -16.59
CA ILE B 20 24.63 -14.57 -15.92
C ILE B 20 24.39 -14.84 -14.43
N ASN B 21 24.25 -16.10 -14.06
CA ASN B 21 24.03 -16.46 -12.65
C ASN B 21 25.34 -16.39 -11.86
N GLU B 22 26.38 -17.02 -12.40
CA GLU B 22 27.66 -17.01 -11.71
C GLU B 22 28.12 -15.57 -11.54
N LEU B 23 27.91 -14.76 -12.56
CA LEU B 23 28.32 -13.39 -12.50
C LEU B 23 27.59 -12.63 -11.40
N THR B 24 26.34 -13.03 -11.12
CA THR B 24 25.58 -12.32 -10.10
C THR B 24 25.50 -13.03 -8.75
N ALA B 25 26.06 -14.25 -8.69
CA ALA B 25 26.03 -15.05 -7.46
C ALA B 25 26.28 -14.27 -6.17
N GLN B 26 27.40 -13.55 -6.11
CA GLN B 26 27.73 -12.82 -4.91
C GLN B 26 26.73 -11.72 -4.59
N ASP B 27 26.41 -10.86 -5.56
CA ASP B 27 25.46 -9.80 -5.31
C ASP B 27 24.07 -10.33 -4.93
N MET B 28 23.63 -11.40 -5.58
CA MET B 28 22.33 -11.97 -5.26
C MET B 28 22.32 -12.57 -3.85
N ALA B 29 23.49 -12.74 -3.25
CA ALA B 29 23.54 -13.27 -1.89
C ALA B 29 23.24 -12.06 -1.00
N GLY B 30 23.75 -10.91 -1.44
CA GLY B 30 23.53 -9.66 -0.72
C GLY B 30 22.05 -9.33 -0.76
N VAL B 31 21.42 -9.61 -1.90
CA VAL B 31 20.00 -9.36 -2.04
C VAL B 31 19.25 -10.22 -1.04
N ASN B 32 19.51 -11.52 -1.11
CA ASN B 32 18.87 -12.47 -0.23
C ASN B 32 19.02 -12.10 1.25
N ALA B 33 20.21 -11.66 1.63
CA ALA B 33 20.48 -11.32 3.01
C ALA B 33 19.71 -10.08 3.45
N ALA B 34 19.57 -9.12 2.54
CA ALA B 34 18.84 -7.90 2.85
C ALA B 34 17.35 -8.22 2.93
N ILE B 35 16.91 -9.20 2.13
CA ILE B 35 15.52 -9.62 2.11
C ILE B 35 15.18 -10.33 3.41
N LEU B 36 16.10 -11.16 3.89
CA LEU B 36 15.87 -11.90 5.11
C LEU B 36 15.87 -10.97 6.31
N GLU B 37 16.73 -9.96 6.28
CA GLU B 37 16.80 -9.02 7.38
C GLU B 37 15.53 -8.17 7.52
N GLN B 38 14.90 -7.87 6.39
CA GLN B 38 13.70 -7.07 6.42
C GLN B 38 12.47 -7.91 6.74
N LEU B 39 12.52 -9.21 6.47
CA LEU B 39 11.38 -10.08 6.76
C LEU B 39 11.66 -10.95 7.98
N ASN B 40 12.50 -10.47 8.88
CA ASN B 40 12.83 -11.22 10.07
C ASN B 40 12.07 -10.69 11.27
N SER B 41 10.86 -11.19 11.46
CA SER B 41 10.02 -10.77 12.58
C SER B 41 9.25 -11.98 13.04
N ASP B 42 8.71 -11.94 14.26
CA ASP B 42 7.96 -13.08 14.76
C ASP B 42 6.56 -13.15 14.16
N VAL B 43 6.39 -14.08 13.23
CA VAL B 43 5.13 -14.32 12.50
C VAL B 43 5.46 -15.28 11.38
N GLN B 44 5.33 -16.58 11.65
CA GLN B 44 5.65 -17.64 10.68
C GLN B 44 5.39 -17.20 9.26
N LEU B 45 4.19 -16.68 9.07
CA LEU B 45 3.69 -16.22 7.80
C LEU B 45 4.66 -15.32 7.07
N ILE B 46 5.38 -14.49 7.82
CA ILE B 46 6.32 -13.59 7.21
C ILE B 46 7.69 -14.23 7.05
N ASN B 47 8.22 -14.83 8.12
CA ASN B 47 9.52 -15.47 7.99
C ASN B 47 9.48 -16.46 6.87
N GLN B 48 8.44 -17.27 6.84
CA GLN B 48 8.32 -18.30 5.83
C GLN B 48 8.25 -17.77 4.41
N LEU B 49 7.84 -16.50 4.27
CA LEU B 49 7.76 -15.89 2.95
C LEU B 49 9.15 -15.46 2.52
N GLY B 50 9.96 -15.07 3.49
CA GLY B 50 11.31 -14.66 3.20
C GLY B 50 12.07 -15.88 2.72
N TYR B 51 11.96 -16.98 3.45
CA TYR B 51 12.64 -18.21 3.06
C TYR B 51 12.12 -18.60 1.70
N TYR B 52 10.82 -18.42 1.49
CA TYR B 52 10.22 -18.77 0.22
C TYR B 52 10.90 -17.99 -0.91
N ILE B 53 11.02 -16.68 -0.75
CA ILE B 53 11.61 -15.86 -1.78
C ILE B 53 13.08 -16.15 -2.07
N VAL B 54 13.92 -16.29 -1.04
CA VAL B 54 15.34 -16.53 -1.27
C VAL B 54 15.69 -17.94 -1.75
N SER B 55 14.77 -18.89 -1.56
CA SER B 55 15.03 -20.26 -1.97
C SER B 55 14.24 -20.57 -3.25
N GLY B 56 13.64 -19.54 -3.83
CA GLY B 56 12.88 -19.73 -5.05
C GLY B 56 13.79 -20.07 -6.22
N GLY B 57 13.52 -21.19 -6.88
CA GLY B 57 14.33 -21.60 -8.02
C GLY B 57 13.98 -20.85 -9.30
N GLY B 58 13.28 -19.73 -9.17
CA GLY B 58 12.90 -18.94 -10.34
C GLY B 58 14.03 -18.03 -10.79
N LYS B 59 13.83 -17.38 -11.95
CA LYS B 59 14.82 -16.47 -12.52
C LYS B 59 15.04 -15.18 -11.73
N ARG B 60 14.03 -14.73 -11.00
CA ARG B 60 14.15 -13.52 -10.21
C ARG B 60 14.87 -12.42 -10.99
N ILE B 61 14.38 -12.17 -12.19
CA ILE B 61 14.98 -11.20 -13.09
C ILE B 61 14.94 -9.75 -12.62
N ARG B 62 13.87 -9.35 -11.95
CA ARG B 62 13.79 -7.97 -11.51
C ARG B 62 14.97 -7.59 -10.62
N PRO B 63 15.24 -8.38 -9.56
CA PRO B 63 16.38 -8.01 -8.74
C PRO B 63 17.73 -8.18 -9.44
N MET B 64 17.82 -9.13 -10.37
CA MET B 64 19.06 -9.33 -11.09
C MET B 64 19.38 -8.09 -11.90
N ILE B 65 18.37 -7.53 -12.54
CA ILE B 65 18.56 -6.33 -13.33
C ILE B 65 19.05 -5.20 -12.46
N ALA B 66 18.50 -5.07 -11.27
CA ALA B 66 18.93 -4.00 -10.37
C ALA B 66 20.42 -4.11 -10.04
N VAL B 67 20.90 -5.31 -9.70
CA VAL B 67 22.33 -5.42 -9.37
C VAL B 67 23.18 -5.30 -10.64
N LEU B 68 22.71 -5.85 -11.75
CA LEU B 68 23.47 -5.76 -12.98
C LEU B 68 23.64 -4.31 -13.44
N ALA B 69 22.54 -3.56 -13.43
CA ALA B 69 22.55 -2.16 -13.85
C ALA B 69 23.60 -1.35 -13.10
N ALA B 70 23.62 -1.47 -11.78
CA ALA B 70 24.57 -0.73 -10.95
C ALA B 70 26.02 -1.08 -11.25
N ARG B 71 26.31 -2.37 -11.38
CA ARG B 71 27.66 -2.81 -11.64
C ARG B 71 28.13 -2.43 -13.04
N ALA B 72 27.19 -2.27 -13.96
CA ALA B 72 27.53 -1.92 -15.33
C ALA B 72 27.98 -0.48 -15.42
N VAL B 73 27.60 0.33 -14.44
CA VAL B 73 28.01 1.73 -14.44
C VAL B 73 29.11 1.96 -13.42
N GLY B 74 29.80 0.89 -13.05
CA GLY B 74 30.90 0.99 -12.11
C GLY B 74 30.57 1.17 -10.64
N TYR B 75 29.33 0.90 -10.23
CA TYR B 75 28.99 1.04 -8.83
C TYR B 75 29.89 0.10 -8.07
N GLU B 76 30.64 0.64 -7.13
CA GLU B 76 31.59 -0.18 -6.36
C GLU B 76 31.06 -0.57 -4.98
N GLY B 77 30.23 0.28 -4.40
CA GLY B 77 29.67 -0.03 -3.08
C GLY B 77 28.68 -1.18 -3.16
N ASN B 78 27.62 -1.13 -2.36
CA ASN B 78 26.64 -2.19 -2.44
C ASN B 78 25.26 -1.83 -1.87
N ALA B 79 24.85 -0.59 -2.08
CA ALA B 79 23.54 -0.17 -1.63
C ALA B 79 22.56 -0.60 -2.72
N HIS B 80 23.12 -0.98 -3.87
CA HIS B 80 22.35 -1.41 -5.03
C HIS B 80 21.63 -2.72 -4.72
N VAL B 81 22.13 -3.45 -3.74
CA VAL B 81 21.54 -4.72 -3.32
C VAL B 81 20.24 -4.44 -2.52
N THR B 82 20.15 -3.26 -1.91
CA THR B 82 18.97 -2.87 -1.17
C THR B 82 17.87 -2.46 -2.17
N ILE B 83 18.27 -1.88 -3.29
CA ILE B 83 17.28 -1.54 -4.32
C ILE B 83 16.72 -2.81 -4.95
N ALA B 84 17.60 -3.75 -5.29
CA ALA B 84 17.18 -5.01 -5.88
C ALA B 84 16.12 -5.65 -4.97
N ALA B 85 16.40 -5.60 -3.67
CA ALA B 85 15.51 -6.15 -2.68
C ALA B 85 14.15 -5.46 -2.58
N LEU B 86 14.12 -4.12 -2.58
CA LEU B 86 12.83 -3.44 -2.46
C LEU B 86 12.05 -3.59 -3.76
N ILE B 87 12.76 -3.78 -4.86
CA ILE B 87 12.09 -3.97 -6.14
C ILE B 87 11.32 -5.28 -6.06
N GLU B 88 11.98 -6.32 -5.54
CA GLU B 88 11.34 -7.61 -5.43
C GLU B 88 10.15 -7.55 -4.47
N PHE B 89 10.26 -6.68 -3.47
CA PHE B 89 9.17 -6.52 -2.52
C PHE B 89 7.97 -5.89 -3.24
N ILE B 90 8.24 -4.84 -4.04
CA ILE B 90 7.16 -4.18 -4.76
C ILE B 90 6.45 -5.23 -5.59
N HIS B 91 7.21 -6.08 -6.25
CA HIS B 91 6.65 -7.14 -7.08
C HIS B 91 5.84 -8.19 -6.28
N THR B 92 6.39 -8.63 -5.15
CA THR B 92 5.74 -9.61 -4.31
C THR B 92 4.44 -9.00 -3.78
N ALA B 93 4.53 -7.79 -3.23
CA ALA B 93 3.39 -7.08 -2.69
C ALA B 93 2.28 -6.90 -3.75
N THR B 94 2.65 -6.56 -4.97
CA THR B 94 1.64 -6.39 -5.99
C THR B 94 1.00 -7.73 -6.33
N LEU B 95 1.78 -8.81 -6.29
CA LEU B 95 1.20 -10.11 -6.59
C LEU B 95 0.21 -10.54 -5.51
N LEU B 96 0.53 -10.30 -4.24
CA LEU B 96 -0.37 -10.66 -3.16
C LEU B 96 -1.70 -9.91 -3.27
N HIS B 97 -1.64 -8.65 -3.68
CA HIS B 97 -2.87 -7.87 -3.82
C HIS B 97 -3.65 -8.31 -5.06
N ASP B 98 -2.92 -8.83 -6.04
CA ASP B 98 -3.55 -9.29 -7.27
C ASP B 98 -4.33 -10.56 -6.96
N ASP B 99 -4.12 -11.13 -5.77
CA ASP B 99 -4.83 -12.35 -5.36
C ASP B 99 -6.17 -12.09 -4.70
N VAL B 100 -6.44 -10.84 -4.34
CA VAL B 100 -7.70 -10.51 -3.69
C VAL B 100 -8.90 -10.82 -4.59
N VAL B 101 -9.90 -11.49 -4.01
CA VAL B 101 -11.12 -11.87 -4.71
C VAL B 101 -12.34 -11.17 -4.13
N ASP B 102 -13.45 -11.19 -4.88
CA ASP B 102 -14.68 -10.56 -4.43
C ASP B 102 -15.88 -11.50 -4.32
N GLU B 103 -16.78 -11.39 -5.31
CA GLU B 103 -17.99 -12.21 -5.38
C GLU B 103 -17.75 -13.29 -6.45
N SER B 104 -16.99 -14.32 -6.06
CA SER B 104 -16.66 -15.44 -6.95
C SER B 104 -16.20 -16.65 -6.14
N PHE B 117 -3.88 -18.81 1.13
CA PHE B 117 -3.59 -17.59 1.87
C PHE B 117 -4.86 -16.91 2.39
N GLY B 118 -5.67 -16.39 1.47
CA GLY B 118 -6.90 -15.73 1.86
C GLY B 118 -6.88 -14.23 1.57
N ASN B 119 -8.05 -13.65 1.34
CA ASN B 119 -8.13 -12.23 1.07
C ASN B 119 -7.40 -11.44 2.17
N ALA B 120 -7.67 -11.80 3.41
CA ALA B 120 -7.07 -11.12 4.55
C ALA B 120 -5.55 -11.17 4.59
N ALA B 121 -4.97 -12.35 4.45
CA ALA B 121 -3.52 -12.47 4.50
C ALA B 121 -2.89 -11.76 3.30
N SER B 122 -3.46 -12.01 2.12
CA SER B 122 -2.99 -11.41 0.88
C SER B 122 -2.90 -9.90 1.00
N VAL B 123 -3.89 -9.29 1.64
CA VAL B 123 -3.92 -7.83 1.81
C VAL B 123 -2.93 -7.31 2.86
N LEU B 124 -3.00 -7.87 4.07
CA LEU B 124 -2.13 -7.43 5.16
C LEU B 124 -0.65 -7.74 4.94
N VAL B 125 -0.33 -8.95 4.51
CA VAL B 125 1.07 -9.23 4.26
C VAL B 125 1.52 -8.34 3.11
N GLY B 126 0.63 -8.17 2.14
CA GLY B 126 0.94 -7.31 1.01
C GLY B 126 1.34 -5.94 1.51
N ASP B 127 0.52 -5.36 2.38
CA ASP B 127 0.82 -4.04 2.92
C ASP B 127 2.12 -4.04 3.72
N PHE B 128 2.36 -5.11 4.47
CA PHE B 128 3.57 -5.17 5.26
C PHE B 128 4.76 -5.04 4.34
N ILE B 129 4.72 -5.78 3.23
CA ILE B 129 5.80 -5.79 2.26
C ILE B 129 5.95 -4.47 1.52
N TYR B 130 4.82 -3.85 1.20
CA TYR B 130 4.87 -2.58 0.50
C TYR B 130 5.51 -1.56 1.43
N THR B 131 4.91 -1.39 2.60
CA THR B 131 5.43 -0.43 3.56
C THR B 131 6.90 -0.67 3.85
N ARG B 132 7.30 -1.93 3.97
CA ARG B 132 8.70 -2.21 4.24
C ARG B 132 9.53 -1.78 3.03
N ALA B 133 8.97 -1.91 1.84
CA ALA B 133 9.64 -1.51 0.62
C ALA B 133 9.89 0.00 0.65
N PHE B 134 8.96 0.75 1.20
CA PHE B 134 9.14 2.19 1.26
C PHE B 134 10.21 2.60 2.28
N GLN B 135 10.32 1.87 3.37
CA GLN B 135 11.32 2.18 4.38
C GLN B 135 12.70 2.00 3.79
N MET B 136 12.86 0.94 3.01
CA MET B 136 14.13 0.65 2.38
C MET B 136 14.47 1.74 1.39
N MET B 137 13.48 2.18 0.63
CA MET B 137 13.68 3.24 -0.34
C MET B 137 14.32 4.45 0.34
N THR B 138 13.77 4.86 1.48
CA THR B 138 14.30 6.02 2.16
C THR B 138 15.57 5.77 2.98
N SER B 139 15.85 4.52 3.34
CA SER B 139 17.08 4.28 4.10
C SER B 139 18.26 4.63 3.19
N LEU B 140 18.01 4.64 1.88
CA LEU B 140 19.03 4.97 0.91
C LEU B 140 19.37 6.46 0.98
N GLY B 141 18.49 7.20 1.64
CA GLY B 141 18.67 8.64 1.79
C GLY B 141 18.87 9.46 0.54
N SER B 142 18.12 9.18 -0.52
CA SER B 142 18.22 9.93 -1.77
C SER B 142 16.83 10.31 -2.29
N LEU B 143 16.59 11.61 -2.44
CA LEU B 143 15.29 12.07 -2.91
C LEU B 143 15.00 11.68 -4.34
N LYS B 144 16.03 11.67 -5.17
CA LYS B 144 15.86 11.32 -6.56
C LYS B 144 15.33 9.90 -6.63
N VAL B 145 15.99 8.99 -5.91
CA VAL B 145 15.54 7.61 -5.89
C VAL B 145 14.10 7.57 -5.42
N LEU B 146 13.81 8.34 -4.38
CA LEU B 146 12.46 8.38 -3.84
C LEU B 146 11.47 8.95 -4.84
N GLU B 147 11.88 9.96 -5.60
CA GLU B 147 11.00 10.55 -6.59
C GLU B 147 10.58 9.45 -7.57
N VAL B 148 11.57 8.82 -8.19
CA VAL B 148 11.29 7.78 -9.17
C VAL B 148 10.49 6.60 -8.64
N MET B 149 10.96 5.98 -7.57
CA MET B 149 10.25 4.83 -7.01
C MET B 149 8.85 5.21 -6.58
N SER B 150 8.75 6.34 -5.88
CA SER B 150 7.50 6.87 -5.38
C SER B 150 6.47 6.98 -6.51
N GLU B 151 6.94 7.40 -7.68
CA GLU B 151 6.09 7.56 -8.85
C GLU B 151 5.76 6.23 -9.53
N ALA B 152 6.75 5.36 -9.63
CA ALA B 152 6.55 4.06 -10.27
C ALA B 152 5.49 3.20 -9.57
N VAL B 153 5.61 3.10 -8.25
CA VAL B 153 4.68 2.27 -7.52
C VAL B 153 3.26 2.83 -7.64
N ASN B 154 3.12 4.15 -7.62
CA ASN B 154 1.78 4.75 -7.79
C ASN B 154 1.28 4.46 -9.21
N VAL B 155 2.18 4.40 -10.18
CA VAL B 155 1.79 4.10 -11.54
C VAL B 155 1.35 2.65 -11.59
N ILE B 156 2.10 1.79 -10.91
CA ILE B 156 1.80 0.37 -10.87
C ILE B 156 0.41 0.14 -10.29
N ALA B 157 0.12 0.85 -9.22
CA ALA B 157 -1.17 0.74 -8.56
C ALA B 157 -2.24 1.21 -9.53
N GLU B 158 -1.95 2.31 -10.20
CA GLU B 158 -2.88 2.88 -11.18
C GLU B 158 -3.15 1.86 -12.26
N GLY B 159 -2.08 1.21 -12.72
CA GLY B 159 -2.23 0.21 -13.76
C GLY B 159 -3.11 -0.96 -13.34
N GLU B 160 -3.01 -1.35 -12.07
CA GLU B 160 -3.81 -2.46 -11.55
C GLU B 160 -5.31 -2.12 -11.58
N VAL B 161 -5.65 -0.87 -11.32
CA VAL B 161 -7.06 -0.48 -11.33
C VAL B 161 -7.57 -0.39 -12.77
N LEU B 162 -6.72 0.12 -13.67
CA LEU B 162 -7.11 0.24 -15.08
C LEU B 162 -7.41 -1.16 -15.60
N GLN B 163 -6.59 -2.11 -15.18
CA GLN B 163 -6.76 -3.50 -15.58
C GLN B 163 -8.08 -4.04 -15.03
N LEU B 164 -8.45 -3.59 -13.85
CA LEU B 164 -9.68 -4.03 -13.21
C LEU B 164 -10.88 -3.54 -14.02
N MET B 165 -10.79 -2.33 -14.54
CA MET B 165 -11.86 -1.75 -15.32
C MET B 165 -11.97 -2.39 -16.70
N ASN B 166 -10.86 -2.91 -17.21
CA ASN B 166 -10.85 -3.54 -18.52
C ASN B 166 -11.42 -4.94 -18.53
N VAL B 167 -11.63 -5.54 -17.37
CA VAL B 167 -12.18 -6.90 -17.33
C VAL B 167 -13.55 -6.91 -17.96
N ASN B 168 -13.77 -7.91 -18.81
CA ASN B 168 -15.04 -8.08 -19.52
C ASN B 168 -15.34 -6.95 -20.52
N ASP B 169 -14.32 -6.15 -20.85
CA ASP B 169 -14.46 -5.04 -21.80
C ASP B 169 -13.68 -5.33 -23.10
N PRO B 170 -14.39 -5.79 -24.14
CA PRO B 170 -13.80 -6.12 -25.44
C PRO B 170 -13.57 -4.90 -26.33
N ASP B 171 -13.96 -3.73 -25.87
CA ASP B 171 -13.82 -2.50 -26.65
C ASP B 171 -12.63 -1.59 -26.30
N ILE B 172 -11.70 -2.08 -25.49
CA ILE B 172 -10.57 -1.26 -25.12
C ILE B 172 -9.61 -1.14 -26.29
N THR B 173 -9.01 0.04 -26.43
CA THR B 173 -8.05 0.30 -27.51
C THR B 173 -6.66 -0.23 -27.14
N GLU B 174 -5.78 -0.31 -28.12
CA GLU B 174 -4.43 -0.77 -27.88
C GLU B 174 -3.67 0.30 -27.06
N GLU B 175 -4.00 1.57 -27.27
CA GLU B 175 -3.36 2.65 -26.53
C GLU B 175 -3.56 2.29 -25.05
N ASN B 176 -4.80 1.91 -24.73
CA ASN B 176 -5.15 1.53 -23.36
C ASN B 176 -4.31 0.34 -22.93
N TYR B 177 -4.44 -0.76 -23.65
CA TYR B 177 -3.72 -1.97 -23.32
C TYR B 177 -2.22 -1.71 -23.18
N MET B 178 -1.62 -1.13 -24.22
CA MET B 178 -0.20 -0.85 -24.17
C MET B 178 0.17 -0.17 -22.85
N ARG B 179 -0.70 0.72 -22.38
CA ARG B 179 -0.52 1.43 -21.11
C ARG B 179 -0.67 0.49 -19.90
N VAL B 180 -1.52 -0.52 -20.04
CA VAL B 180 -1.73 -1.48 -18.96
C VAL B 180 -0.44 -2.22 -18.66
N ILE B 181 0.17 -2.80 -19.68
CA ILE B 181 1.41 -3.55 -19.48
C ILE B 181 2.56 -2.65 -19.05
N TYR B 182 2.65 -1.46 -19.64
CA TYR B 182 3.70 -0.55 -19.25
C TYR B 182 3.60 -0.23 -17.76
N SER B 183 2.39 0.13 -17.34
CA SER B 183 2.11 0.52 -15.96
C SER B 183 2.26 -0.59 -14.93
N LYS B 184 1.88 -1.80 -15.29
CA LYS B 184 1.94 -2.88 -14.33
C LYS B 184 3.18 -3.77 -14.37
N THR B 185 3.97 -3.68 -15.43
CA THR B 185 5.17 -4.51 -15.51
C THR B 185 6.42 -3.76 -15.93
N ALA B 186 6.32 -3.04 -17.04
CA ALA B 186 7.44 -2.28 -17.58
C ALA B 186 7.99 -1.25 -16.59
N ARG B 187 7.11 -0.38 -16.11
CA ARG B 187 7.51 0.68 -15.17
C ARG B 187 8.39 0.21 -14.00
N LEU B 188 8.17 -0.99 -13.48
CA LEU B 188 8.99 -1.45 -12.38
C LEU B 188 10.38 -1.85 -12.86
N PHE B 189 10.47 -2.38 -14.09
CA PHE B 189 11.77 -2.77 -14.65
C PHE B 189 12.53 -1.48 -14.90
N GLU B 190 11.82 -0.49 -15.43
CA GLU B 190 12.40 0.81 -15.71
C GLU B 190 13.00 1.45 -14.45
N ALA B 191 12.22 1.47 -13.37
CA ALA B 191 12.67 2.07 -12.12
C ALA B 191 13.82 1.33 -11.46
N ALA B 192 13.86 0.01 -11.65
CA ALA B 192 14.93 -0.78 -11.06
C ALA B 192 16.26 -0.44 -11.73
N ALA B 193 16.25 -0.37 -13.06
CA ALA B 193 17.47 -0.07 -13.79
C ALA B 193 17.89 1.38 -13.54
N GLN B 194 16.95 2.30 -13.69
CA GLN B 194 17.22 3.72 -13.50
C GLN B 194 17.70 4.10 -12.10
N CYS B 195 17.05 3.57 -11.08
CA CYS B 195 17.44 3.90 -9.72
C CYS B 195 18.81 3.34 -9.39
N SER B 196 19.15 2.19 -9.96
CA SER B 196 20.45 1.61 -9.70
C SER B 196 21.47 2.52 -10.34
N GLY B 197 21.10 3.12 -11.47
CA GLY B 197 22.00 4.04 -12.14
C GLY B 197 22.19 5.30 -11.29
N ILE B 198 21.09 5.84 -10.79
CA ILE B 198 21.14 7.03 -9.95
C ILE B 198 22.06 6.80 -8.75
N LEU B 199 21.81 5.70 -8.04
CA LEU B 199 22.59 5.34 -6.87
C LEU B 199 24.10 5.34 -7.14
N ALA B 200 24.46 4.94 -8.36
CA ALA B 200 25.86 4.88 -8.75
C ALA B 200 26.30 6.21 -9.34
N GLY B 201 25.48 7.24 -9.16
CA GLY B 201 25.81 8.54 -9.68
C GLY B 201 26.39 8.44 -11.08
N CYS B 202 25.65 7.84 -11.99
CA CYS B 202 26.11 7.70 -13.37
C CYS B 202 25.72 8.94 -14.17
N THR B 203 26.15 9.01 -15.43
CA THR B 203 25.82 10.17 -16.25
C THR B 203 24.38 10.20 -16.71
N PRO B 204 23.82 11.40 -16.92
CA PRO B 204 22.44 11.53 -17.36
C PRO B 204 22.21 10.66 -18.59
N GLU B 205 23.25 10.54 -19.41
CA GLU B 205 23.17 9.74 -20.64
C GLU B 205 23.09 8.27 -20.28
N GLU B 206 23.98 7.82 -19.40
CA GLU B 206 24.01 6.43 -18.97
C GLU B 206 22.70 6.12 -18.26
N GLU B 207 22.27 7.05 -17.42
CA GLU B 207 21.03 6.88 -16.69
C GLU B 207 19.87 6.61 -17.64
N LYS B 208 19.81 7.33 -18.74
CA LYS B 208 18.72 7.13 -19.67
C LYS B 208 18.86 5.82 -20.43
N GLY B 209 20.07 5.30 -20.45
CA GLY B 209 20.28 4.04 -21.14
C GLY B 209 19.61 2.91 -20.38
N LEU B 210 19.79 2.93 -19.05
CA LEU B 210 19.21 1.92 -18.16
C LEU B 210 17.73 2.14 -18.00
N GLN B 211 17.32 3.40 -17.93
CA GLN B 211 15.91 3.71 -17.77
C GLN B 211 15.12 3.25 -18.97
N ASP B 212 15.69 3.33 -20.16
CA ASP B 212 14.97 2.86 -21.33
C ASP B 212 15.05 1.35 -21.42
N TYR B 213 16.23 0.80 -21.14
CA TYR B 213 16.42 -0.65 -21.20
C TYR B 213 15.40 -1.37 -20.29
N GLY B 214 15.17 -0.83 -19.11
CA GLY B 214 14.21 -1.44 -18.21
C GLY B 214 12.82 -1.33 -18.81
N ARG B 215 12.47 -0.14 -19.28
CA ARG B 215 11.16 0.07 -19.87
C ARG B 215 10.93 -0.85 -21.06
N TYR B 216 11.86 -0.87 -22.02
CA TYR B 216 11.68 -1.74 -23.18
C TYR B 216 11.72 -3.23 -22.85
N LEU B 217 12.61 -3.63 -21.96
CA LEU B 217 12.69 -5.04 -21.59
C LEU B 217 11.42 -5.43 -20.84
N GLY B 218 10.99 -4.56 -19.94
CA GLY B 218 9.78 -4.81 -19.18
C GLY B 218 8.60 -5.06 -20.11
N THR B 219 8.48 -4.23 -21.13
CA THR B 219 7.40 -4.38 -22.09
C THR B 219 7.54 -5.71 -22.83
N ALA B 220 8.73 -6.00 -23.36
CA ALA B 220 8.93 -7.26 -24.08
C ALA B 220 8.57 -8.42 -23.17
N PHE B 221 8.97 -8.31 -21.91
CA PHE B 221 8.69 -9.36 -20.92
C PHE B 221 7.20 -9.61 -20.78
N GLN B 222 6.42 -8.54 -20.68
CA GLN B 222 4.98 -8.71 -20.53
C GLN B 222 4.31 -9.25 -21.79
N LEU B 223 4.68 -8.74 -22.97
CA LEU B 223 4.08 -9.26 -24.21
C LEU B 223 4.31 -10.76 -24.35
N ILE B 224 5.52 -11.22 -24.05
CA ILE B 224 5.83 -12.65 -24.11
C ILE B 224 4.97 -13.39 -23.12
N ASP B 225 4.80 -12.80 -21.93
CA ASP B 225 4.01 -13.41 -20.89
C ASP B 225 2.56 -13.55 -21.33
N ASP B 226 2.05 -12.53 -22.01
CA ASP B 226 0.68 -12.55 -22.48
C ASP B 226 0.40 -13.62 -23.52
N LEU B 227 1.34 -13.86 -24.42
CA LEU B 227 1.09 -14.86 -25.44
C LEU B 227 1.35 -16.26 -24.91
N LEU B 228 2.21 -16.40 -23.92
CA LEU B 228 2.47 -17.71 -23.34
C LEU B 228 1.22 -18.16 -22.60
N ASP B 229 0.35 -17.20 -22.28
CA ASP B 229 -0.88 -17.51 -21.59
C ASP B 229 -1.78 -18.35 -22.49
N TYR B 230 -1.43 -18.39 -23.78
CA TYR B 230 -2.14 -19.18 -24.78
C TYR B 230 -1.16 -20.24 -25.27
N ASN B 231 0.12 -19.95 -25.06
CA ASN B 231 1.25 -20.81 -25.42
C ASN B 231 1.28 -21.15 -26.91
N LYS B 239 1.01 -21.18 -16.15
CA LYS B 239 0.23 -22.24 -15.51
C LYS B 239 -0.59 -22.98 -16.57
N ASN B 240 -1.90 -22.75 -16.56
CA ASN B 240 -2.78 -23.38 -17.53
C ASN B 240 -3.12 -22.34 -18.57
N VAL B 241 -2.69 -22.57 -19.79
CA VAL B 241 -3.01 -21.64 -20.86
C VAL B 241 -4.51 -21.35 -20.77
N GLY B 242 -4.92 -20.17 -21.23
CA GLY B 242 -6.34 -19.83 -21.20
C GLY B 242 -6.90 -19.19 -19.95
N ASP B 243 -6.04 -18.76 -19.03
CA ASP B 243 -6.52 -18.11 -17.80
C ASP B 243 -7.00 -16.70 -18.11
N ASP B 244 -6.19 -15.94 -18.84
CA ASP B 244 -6.57 -14.59 -19.21
C ASP B 244 -7.93 -14.63 -19.90
N LEU B 245 -8.11 -15.65 -20.74
CA LEU B 245 -9.33 -15.83 -21.50
C LEU B 245 -10.51 -16.10 -20.59
N ASN B 246 -10.34 -17.08 -19.70
CA ASN B 246 -11.37 -17.45 -18.76
C ASN B 246 -11.80 -16.26 -17.89
N GLU B 247 -10.85 -15.38 -17.58
CA GLU B 247 -11.15 -14.23 -16.75
C GLU B 247 -11.67 -13.03 -17.52
N GLY B 248 -11.75 -13.14 -18.83
CA GLY B 248 -12.24 -12.03 -19.61
C GLY B 248 -11.26 -10.87 -19.70
N LYS B 249 -9.98 -11.16 -19.48
CA LYS B 249 -8.96 -10.12 -19.56
C LYS B 249 -8.50 -9.94 -20.99
N PRO B 250 -8.78 -8.79 -21.59
CA PRO B 250 -8.36 -8.53 -22.96
C PRO B 250 -6.88 -8.26 -23.10
N THR B 251 -6.14 -9.20 -23.66
CA THR B 251 -4.70 -8.96 -23.88
C THR B 251 -4.45 -8.83 -25.40
N LEU B 252 -3.33 -8.20 -25.76
CA LEU B 252 -2.99 -7.99 -27.16
C LEU B 252 -3.32 -9.16 -28.10
N PRO B 253 -2.85 -10.37 -27.78
CA PRO B 253 -3.13 -11.53 -28.62
C PRO B 253 -4.62 -11.61 -28.89
N LEU B 254 -5.42 -11.34 -27.86
CA LEU B 254 -6.85 -11.43 -28.01
C LEU B 254 -7.45 -10.21 -28.76
N LEU B 255 -7.00 -9.02 -28.43
CA LEU B 255 -7.54 -7.84 -29.09
C LEU B 255 -7.21 -7.81 -30.58
N HIS B 256 -6.15 -8.51 -30.95
CA HIS B 256 -5.73 -8.53 -32.35
C HIS B 256 -6.55 -9.50 -33.20
N ALA B 257 -6.80 -10.69 -32.66
CA ALA B 257 -7.57 -11.69 -33.38
C ALA B 257 -9.01 -11.20 -33.59
N MET B 258 -9.55 -10.53 -32.58
CA MET B 258 -10.90 -10.01 -32.66
C MET B 258 -11.06 -9.00 -33.78
N HIS B 259 -10.11 -8.08 -33.89
CA HIS B 259 -10.14 -7.05 -34.93
C HIS B 259 -9.72 -7.58 -36.30
N HIS B 260 -8.70 -8.45 -36.32
CA HIS B 260 -8.20 -9.05 -37.55
C HIS B 260 -8.72 -10.47 -37.73
N GLY B 261 -10.03 -10.65 -37.64
CA GLY B 261 -10.54 -11.99 -37.81
C GLY B 261 -11.89 -12.01 -38.48
N THR B 262 -12.39 -13.22 -38.72
CA THR B 262 -13.69 -13.37 -39.36
C THR B 262 -14.75 -12.89 -38.38
N PRO B 263 -15.87 -12.36 -38.90
CA PRO B 263 -16.93 -11.89 -38.01
C PRO B 263 -17.38 -13.01 -37.07
N GLU B 264 -17.40 -14.24 -37.59
CA GLU B 264 -17.78 -15.41 -36.78
C GLU B 264 -16.92 -15.45 -35.52
N GLN B 265 -15.62 -15.30 -35.71
CA GLN B 265 -14.67 -15.34 -34.61
C GLN B 265 -14.73 -14.09 -33.75
N ALA B 266 -14.70 -12.92 -34.40
CA ALA B 266 -14.76 -11.64 -33.70
C ALA B 266 -15.91 -11.59 -32.69
N GLN B 267 -16.96 -12.34 -32.98
CA GLN B 267 -18.13 -12.39 -32.11
C GLN B 267 -17.88 -13.34 -30.95
N MET B 268 -17.34 -14.51 -31.26
CA MET B 268 -17.05 -15.47 -30.20
C MET B 268 -16.11 -14.83 -29.19
N ILE B 269 -15.07 -14.15 -29.67
CA ILE B 269 -14.11 -13.52 -28.78
C ILE B 269 -14.76 -12.46 -27.90
N ARG B 270 -15.54 -11.56 -28.48
CA ARG B 270 -16.16 -10.51 -27.70
C ARG B 270 -17.14 -11.12 -26.71
N THR B 271 -17.76 -12.23 -27.09
CA THR B 271 -18.69 -12.87 -26.18
C THR B 271 -17.90 -13.48 -25.05
N ALA B 272 -16.77 -14.11 -25.39
CA ALA B 272 -15.92 -14.75 -24.39
C ALA B 272 -15.39 -13.74 -23.38
N ILE B 273 -15.12 -12.53 -23.87
CA ILE B 273 -14.61 -11.47 -23.01
C ILE B 273 -15.70 -10.88 -22.12
N GLU B 274 -16.92 -10.78 -22.67
CA GLU B 274 -18.05 -10.22 -21.93
C GLU B 274 -18.60 -11.11 -20.82
N GLN B 275 -18.79 -12.39 -21.11
CA GLN B 275 -19.32 -13.32 -20.14
C GLN B 275 -18.28 -14.01 -19.28
N GLY B 276 -17.04 -14.04 -19.76
CA GLY B 276 -15.98 -14.72 -19.04
C GLY B 276 -16.26 -16.22 -19.01
N ASN B 277 -15.48 -16.96 -18.24
CA ASN B 277 -15.63 -18.41 -18.11
C ASN B 277 -15.60 -19.16 -19.44
N GLY B 278 -14.75 -18.70 -20.35
CA GLY B 278 -14.66 -19.34 -21.65
C GLY B 278 -13.39 -20.13 -21.94
N ARG B 279 -12.80 -20.74 -20.91
CA ARG B 279 -11.58 -21.51 -21.12
C ARG B 279 -11.89 -22.53 -22.21
N HIS B 280 -13.11 -23.05 -22.18
CA HIS B 280 -13.57 -24.05 -23.14
C HIS B 280 -13.48 -23.60 -24.60
N LEU B 281 -13.22 -22.32 -24.82
CA LEU B 281 -13.12 -21.80 -26.17
C LEU B 281 -11.68 -21.57 -26.62
N LEU B 282 -10.72 -22.03 -25.83
CA LEU B 282 -9.31 -21.84 -26.17
C LEU B 282 -8.93 -22.25 -27.61
N GLU B 283 -9.33 -23.46 -28.03
CA GLU B 283 -9.01 -23.92 -29.38
C GLU B 283 -9.60 -22.99 -30.45
N PRO B 284 -10.91 -22.76 -30.42
CA PRO B 284 -11.51 -21.88 -31.42
C PRO B 284 -10.82 -20.52 -31.46
N VAL B 285 -10.42 -20.05 -30.28
CA VAL B 285 -9.73 -18.77 -30.19
C VAL B 285 -8.32 -18.87 -30.76
N LEU B 286 -7.66 -19.99 -30.48
CA LEU B 286 -6.29 -20.23 -30.96
C LEU B 286 -6.29 -20.27 -32.47
N GLU B 287 -7.24 -21.02 -33.01
CA GLU B 287 -7.38 -21.17 -34.45
C GLU B 287 -7.74 -19.86 -35.12
N ALA B 288 -8.29 -18.93 -34.34
CA ALA B 288 -8.63 -17.61 -34.86
C ALA B 288 -7.34 -16.79 -34.83
N MET B 289 -6.51 -17.05 -33.81
CA MET B 289 -5.24 -16.35 -33.68
C MET B 289 -4.26 -16.81 -34.76
N ASN B 290 -4.11 -18.12 -34.92
CA ASN B 290 -3.21 -18.64 -35.94
C ASN B 290 -3.63 -18.16 -37.33
N ALA B 291 -4.94 -18.01 -37.53
CA ALA B 291 -5.46 -17.56 -38.82
C ALA B 291 -4.94 -16.16 -39.19
N CYS B 292 -4.88 -15.25 -38.22
CA CYS B 292 -4.36 -13.91 -38.53
C CYS B 292 -2.98 -13.66 -37.92
N GLY B 293 -2.39 -14.72 -37.38
CA GLY B 293 -1.06 -14.59 -36.80
C GLY B 293 -0.99 -13.63 -35.62
N SER B 294 -1.99 -13.66 -34.75
CA SER B 294 -2.00 -12.79 -33.58
C SER B 294 -0.79 -13.09 -32.68
N LEU B 295 -0.60 -14.35 -32.32
CA LEU B 295 0.51 -14.74 -31.46
C LEU B 295 1.84 -14.38 -32.09
N GLU B 296 2.05 -14.79 -33.34
CA GLU B 296 3.29 -14.46 -34.02
C GLU B 296 3.50 -12.95 -34.10
N TRP B 297 2.42 -12.20 -34.33
CA TRP B 297 2.52 -10.75 -34.42
C TRP B 297 2.91 -10.11 -33.09
N THR B 298 2.54 -10.77 -32.00
CA THR B 298 2.85 -10.27 -30.68
C THR B 298 4.32 -10.61 -30.37
N ARG B 299 4.70 -11.85 -30.61
CA ARG B 299 6.08 -12.25 -30.36
C ARG B 299 7.03 -11.32 -31.11
N GLN B 300 6.68 -11.00 -32.34
CA GLN B 300 7.48 -10.13 -33.16
C GLN B 300 7.55 -8.73 -32.55
N ARG B 301 6.43 -8.30 -31.97
CA ARG B 301 6.33 -7.00 -31.32
C ARG B 301 7.20 -6.96 -30.07
N ALA B 302 7.29 -8.08 -29.37
CA ALA B 302 8.10 -8.20 -28.16
C ALA B 302 9.57 -8.10 -28.54
N GLU B 303 9.93 -8.72 -29.66
CA GLU B 303 11.30 -8.72 -30.15
C GLU B 303 11.74 -7.31 -30.55
N GLU B 304 10.81 -6.50 -31.01
CA GLU B 304 11.19 -5.13 -31.35
C GLU B 304 11.61 -4.47 -30.04
N GLU B 305 10.80 -4.72 -29.01
CA GLU B 305 11.05 -4.19 -27.68
C GLU B 305 12.41 -4.63 -27.11
N ALA B 306 12.68 -5.92 -27.17
CA ALA B 306 13.94 -6.43 -26.65
C ALA B 306 15.11 -5.82 -27.42
N ASP B 307 14.92 -5.59 -28.71
CA ASP B 307 15.97 -5.02 -29.54
C ASP B 307 16.14 -3.54 -29.25
N LYS B 308 15.08 -2.90 -28.74
CA LYS B 308 15.19 -1.49 -28.40
C LYS B 308 15.94 -1.33 -27.07
N ALA B 309 15.74 -2.28 -26.15
CA ALA B 309 16.40 -2.24 -24.85
C ALA B 309 17.89 -2.55 -25.03
N ILE B 310 18.19 -3.51 -25.89
CA ILE B 310 19.59 -3.87 -26.16
C ILE B 310 20.31 -2.66 -26.76
N ALA B 311 19.58 -1.88 -27.56
CA ALA B 311 20.13 -0.69 -28.19
C ALA B 311 20.43 0.41 -27.18
N ALA B 312 19.47 0.67 -26.30
CA ALA B 312 19.62 1.69 -25.28
C ALA B 312 20.89 1.45 -24.46
N LEU B 313 21.25 0.18 -24.30
CA LEU B 313 22.43 -0.19 -23.53
C LEU B 313 23.76 0.06 -24.24
N GLN B 314 23.70 0.49 -25.50
CA GLN B 314 24.93 0.74 -26.23
C GLN B 314 25.72 1.93 -25.67
N VAL B 315 25.06 2.83 -24.95
CA VAL B 315 25.72 3.98 -24.38
C VAL B 315 26.54 3.63 -23.13
N LEU B 316 26.54 2.35 -22.75
CA LEU B 316 27.30 1.93 -21.58
C LEU B 316 28.61 1.20 -21.91
N PRO B 317 29.60 1.29 -21.01
CA PRO B 317 30.89 0.64 -21.23
C PRO B 317 30.68 -0.84 -21.51
N ASP B 318 31.24 -1.32 -22.60
CA ASP B 318 31.10 -2.73 -22.94
C ASP B 318 31.79 -3.54 -21.84
N THR B 319 31.01 -4.32 -21.08
CA THR B 319 31.57 -5.14 -20.01
C THR B 319 30.69 -6.35 -19.79
N PRO B 320 31.21 -7.37 -19.07
CA PRO B 320 30.41 -8.56 -18.81
C PRO B 320 29.07 -8.19 -18.17
N TRP B 321 29.08 -7.18 -17.32
CA TRP B 321 27.85 -6.74 -16.67
C TRP B 321 26.85 -6.31 -17.75
N ARG B 322 27.33 -5.62 -18.77
CA ARG B 322 26.44 -5.20 -19.83
C ARG B 322 26.10 -6.41 -20.67
N GLU B 323 27.08 -7.25 -20.94
CA GLU B 323 26.81 -8.43 -21.73
C GLU B 323 25.68 -9.20 -21.06
N ALA B 324 25.67 -9.18 -19.73
CA ALA B 324 24.63 -9.87 -18.98
C ALA B 324 23.26 -9.22 -19.15
N LEU B 325 23.22 -7.89 -19.14
CA LEU B 325 21.96 -7.17 -19.33
C LEU B 325 21.37 -7.41 -20.73
N ILE B 326 22.25 -7.66 -21.70
CA ILE B 326 21.84 -7.93 -23.08
C ILE B 326 21.37 -9.38 -23.13
N GLY B 327 22.09 -10.21 -22.38
CA GLY B 327 21.75 -11.62 -22.32
C GLY B 327 20.36 -11.85 -21.78
N LEU B 328 19.91 -10.97 -20.87
CA LEU B 328 18.58 -11.10 -20.30
C LEU B 328 17.52 -10.72 -21.33
N ALA B 329 17.82 -9.69 -22.12
CA ALA B 329 16.87 -9.25 -23.13
C ALA B 329 16.62 -10.38 -24.11
N HIS B 330 17.66 -11.10 -24.47
CA HIS B 330 17.51 -12.20 -25.40
C HIS B 330 16.71 -13.32 -24.77
N ILE B 331 17.13 -13.77 -23.60
CA ILE B 331 16.42 -14.84 -22.93
C ILE B 331 14.93 -14.50 -22.80
N ALA B 332 14.64 -13.27 -22.39
CA ALA B 332 13.28 -12.81 -22.21
C ALA B 332 12.37 -13.14 -23.38
N VAL B 333 12.93 -13.14 -24.58
CA VAL B 333 12.14 -13.42 -25.78
C VAL B 333 12.56 -14.66 -26.56
N GLN B 334 13.11 -15.66 -25.88
CA GLN B 334 13.54 -16.86 -26.57
C GLN B 334 12.58 -18.04 -26.56
N ARG B 335 12.42 -18.66 -27.72
CA ARG B 335 11.58 -19.84 -27.84
C ARG B 335 12.56 -20.98 -28.13
#